data_4GJV
#
_entry.id   4GJV
#
_cell.length_a   57.580
_cell.length_b   57.580
_cell.length_c   183.760
_cell.angle_alpha   90.000
_cell.angle_beta   90.000
_cell.angle_gamma   90.000
#
_symmetry.space_group_name_H-M   'I 41 2 2'
#
loop_
_entity.id
_entity.type
_entity.pdbx_description
1 polymer Streptavidin
2 non-polymer trichloro{(1,2,3,4,5-eta)-1,2,3,4-tetramethyl-5-[2-({5-[(3aS,4S,6aR)-2-oxohexahydro-1H-thieno[3,4-d]imidazol-4-yl]pentanoyl}amino)ethyl]cyclopentadienyl}rhodium(1+)
3 non-polymer 'CHLORIDE ION'
4 non-polymer Rhodium
5 water water
#
_entity_poly.entity_id   1
_entity_poly.type   'polypeptide(L)'
_entity_poly.pdbx_seq_one_letter_code
;MASMTGGQQMGRDEAGITGTWYNQLGSTFIVTAGADGALTGTYESAVGNAESRYVLTGRYDSAPATDGSGTALGWTVAWK
NNYRNAHSATTWSGQYVGGAEARINTQWLLTHGTTEANAWKSTLVGHDTFTKVKPSAASIDAAKKAGVNNGNPLDAVQQ
;
_entity_poly.pdbx_strand_id   A
#
loop_
_chem_comp.id
_chem_comp.type
_chem_comp.name
_chem_comp.formula
0OD non-polymer trichloro{(1,2,3,4,5-eta)-1,2,3,4-tetramethyl-5-[2-({5-[(3aS,4S,6aR)-2-oxohexahydro-1H-thieno[3,4-d]imidazol-4-yl]pentanoyl}amino)ethyl]cyclopentadienyl}rhodium(1+) 'C21 H32 Cl3 N3 O2 Rh S 1'
CL non-polymer 'CHLORIDE ION' 'Cl -1'
RH non-polymer Rhodium 'Rh 1'
#
# COMPACT_ATOMS: atom_id res chain seq x y z
N ASP A 13 5.81 15.81 -5.22
CA ASP A 13 6.05 14.38 -5.05
C ASP A 13 5.13 13.53 -5.91
N GLU A 14 4.25 14.18 -6.66
CA GLU A 14 3.34 13.47 -7.56
C GLU A 14 4.09 12.60 -8.58
N ALA A 15 5.20 13.14 -9.10
CA ALA A 15 6.01 12.41 -10.06
C ALA A 15 6.79 11.28 -9.40
N GLY A 16 7.28 11.52 -8.18
CA GLY A 16 8.09 10.56 -7.48
C GLY A 16 7.30 9.36 -6.98
N ILE A 17 6.05 9.59 -6.59
CA ILE A 17 5.22 8.51 -6.08
C ILE A 17 4.73 7.62 -7.22
N THR A 18 4.36 8.24 -8.34
CA THR A 18 3.83 7.51 -9.49
C THR A 18 4.85 6.53 -10.06
N GLY A 19 4.42 5.28 -10.24
CA GLY A 19 5.28 4.28 -10.82
C GLY A 19 5.13 2.91 -10.18
N THR A 20 6.10 2.04 -10.42
CA THR A 20 6.06 0.68 -9.89
C THR A 20 6.96 0.55 -8.67
N TRP A 21 6.41 0.00 -7.59
CA TRP A 21 7.17 -0.23 -6.37
C TRP A 21 7.21 -1.71 -6.01
N TYR A 22 8.26 -2.10 -5.31
CA TYR A 22 8.43 -3.48 -4.85
C TYR A 22 8.77 -3.48 -3.38
N ASN A 23 8.25 -4.44 -2.63
CA ASN A 23 8.58 -4.54 -1.21
C ASN A 23 9.53 -5.70 -0.89
N GLN A 24 9.80 -5.90 0.39
CA GLN A 24 10.75 -6.90 0.86
C GLN A 24 10.24 -8.32 0.63
N LEU A 25 8.96 -8.46 0.34
CA LEU A 25 8.36 -9.77 0.10
C LEU A 25 8.32 -10.10 -1.39
N GLY A 26 8.67 -9.13 -2.22
CA GLY A 26 8.61 -9.31 -3.66
C GLY A 26 7.25 -8.97 -4.23
N SER A 27 6.44 -8.25 -3.45
CA SER A 27 5.14 -7.79 -3.94
C SER A 27 5.30 -6.59 -4.87
N THR A 28 4.35 -6.41 -5.76
CA THR A 28 4.42 -5.35 -6.76
C THR A 28 3.33 -4.33 -6.55
N PHE A 29 3.72 -3.06 -6.51
CA PHE A 29 2.82 -1.98 -6.16
C PHE A 29 2.89 -0.91 -7.25
N ILE A 30 1.86 -0.87 -8.09
CA ILE A 30 1.79 0.10 -9.19
C ILE A 30 0.73 1.15 -8.87
N VAL A 31 1.14 2.42 -8.88
CA VAL A 31 0.27 3.50 -8.42
C VAL A 31 0.41 4.75 -9.27
N THR A 32 -0.71 5.46 -9.46
CA THR A 32 -0.70 6.77 -10.07
C THR A 32 -1.13 7.81 -9.04
N ALA A 33 -0.33 8.85 -8.85
CA ALA A 33 -0.67 9.92 -7.93
C ALA A 33 -1.32 11.10 -8.67
N GLY A 34 -2.52 11.47 -8.25
CA GLY A 34 -3.20 12.62 -8.82
C GLY A 34 -2.72 13.90 -8.16
N ALA A 35 -2.89 15.02 -8.86
CA ALA A 35 -2.42 16.31 -8.36
C ALA A 35 -3.22 16.75 -7.14
N ASP A 36 -4.36 16.11 -6.92
CA ASP A 36 -5.27 16.44 -5.84
C ASP A 36 -4.89 15.74 -4.53
N GLY A 37 -4.18 14.63 -4.65
CA GLY A 37 -3.83 13.84 -3.48
C GLY A 37 -4.36 12.42 -3.60
N ALA A 38 -4.91 12.11 -4.77
CA ALA A 38 -5.49 10.80 -5.02
C ALA A 38 -4.42 9.75 -5.33
N LEU A 39 -4.67 8.52 -4.89
CA LEU A 39 -3.82 7.40 -5.26
C LEU A 39 -4.64 6.26 -5.85
N THR A 40 -4.29 5.83 -7.05
CA THR A 40 -4.99 4.76 -7.72
C THR A 40 -3.98 3.83 -8.36
N GLY A 41 -4.31 2.54 -8.44
CA GLY A 41 -3.43 1.57 -9.06
C GLY A 41 -3.80 0.13 -8.74
N THR A 42 -2.82 -0.75 -8.85
CA THR A 42 -3.05 -2.17 -8.58
C THR A 42 -1.97 -2.75 -7.68
N TYR A 43 -2.34 -3.74 -6.88
CA TYR A 43 -1.39 -4.40 -5.99
C TYR A 43 -1.33 -5.89 -6.30
N GLU A 44 -0.12 -6.44 -6.30
CA GLU A 44 0.06 -7.87 -6.46
C GLU A 44 0.91 -8.42 -5.33
N SER A 45 0.29 -9.22 -4.47
CA SER A 45 0.99 -9.80 -3.33
C SER A 45 1.74 -11.07 -3.70
N ALA A 46 2.95 -11.22 -3.17
CA ALA A 46 3.74 -12.41 -3.40
C ALA A 46 3.42 -13.50 -2.39
N VAL A 47 2.70 -13.13 -1.33
CA VAL A 47 2.37 -14.07 -0.28
C VAL A 47 0.88 -13.99 0.08
N GLY A 48 0.41 -14.99 0.82
CA GLY A 48 -0.94 -14.98 1.33
C GLY A 48 -1.97 -15.49 0.35
N ASN A 49 -3.23 -15.42 0.74
CA ASN A 49 -4.33 -15.86 -0.10
C ASN A 49 -4.64 -14.81 -1.16
N ALA A 50 -3.75 -14.71 -2.14
CA ALA A 50 -3.86 -13.68 -3.16
C ALA A 50 -3.29 -14.17 -4.48
N GLU A 51 -3.89 -13.73 -5.57
CA GLU A 51 -3.45 -14.13 -6.89
C GLU A 51 -3.70 -13.00 -7.88
N SER A 52 -2.69 -12.71 -8.70
CA SER A 52 -2.75 -11.67 -9.72
C SER A 52 -2.91 -10.28 -9.11
N ARG A 53 -3.50 -9.36 -9.87
CA ARG A 53 -3.61 -7.96 -9.45
C ARG A 53 -4.90 -7.63 -8.69
N TYR A 54 -4.82 -6.68 -7.77
CA TYR A 54 -5.97 -6.23 -6.99
C TYR A 54 -6.06 -4.71 -7.03
N VAL A 55 -7.28 -4.19 -7.08
CA VAL A 55 -7.50 -2.76 -7.11
C VAL A 55 -7.08 -2.10 -5.79
N LEU A 56 -6.32 -1.01 -5.89
CA LEU A 56 -6.00 -0.22 -4.71
C LEU A 56 -6.43 1.22 -4.87
N THR A 57 -6.77 1.85 -3.75
CA THR A 57 -7.06 3.27 -3.75
C THR A 57 -6.51 3.88 -2.47
N GLY A 58 -6.12 5.15 -2.52
CA GLY A 58 -5.56 5.79 -1.34
C GLY A 58 -5.41 7.29 -1.47
N ARG A 59 -4.75 7.89 -0.48
CA ARG A 59 -4.54 9.33 -0.47
C ARG A 59 -3.11 9.68 -0.07
N TYR A 60 -2.65 10.85 -0.47
CA TYR A 60 -1.35 11.33 -0.06
C TYR A 60 -1.36 12.84 0.08
N ASP A 61 -0.47 13.37 0.92
CA ASP A 61 -0.34 14.81 1.09
C ASP A 61 0.30 15.42 -0.15
N SER A 62 -0.48 16.18 -0.90
CA SER A 62 -0.01 16.77 -2.16
C SER A 62 0.86 18.01 -1.94
N ALA A 63 0.86 18.54 -0.72
CA ALA A 63 1.74 19.67 -0.39
C ALA A 63 2.46 19.43 0.94
N PRO A 64 3.47 18.54 0.92
CA PRO A 64 4.19 18.16 2.15
C PRO A 64 5.08 19.29 2.65
N ALA A 65 5.59 19.13 3.87
CA ALA A 65 6.48 20.13 4.46
C ALA A 65 7.81 20.14 3.71
N THR A 66 8.36 21.34 3.52
CA THR A 66 9.58 21.51 2.73
C THR A 66 10.81 21.56 3.62
N ASP A 67 10.80 20.82 4.73
CA ASP A 67 11.93 20.81 5.65
C ASP A 67 12.59 19.43 5.73
N GLY A 68 12.75 18.77 4.58
CA GLY A 68 13.40 17.49 4.52
C GLY A 68 12.52 16.34 5.01
N SER A 69 11.26 16.63 5.30
CA SER A 69 10.33 15.60 5.77
C SER A 69 9.78 14.76 4.62
N GLY A 70 9.29 13.58 4.95
CA GLY A 70 8.67 12.71 3.96
C GLY A 70 7.23 13.09 3.72
N THR A 71 6.62 12.48 2.71
CA THR A 71 5.24 12.75 2.33
C THR A 71 4.32 11.66 2.86
N ALA A 72 3.38 12.04 3.71
CA ALA A 72 2.45 11.07 4.30
C ALA A 72 1.49 10.53 3.25
N LEU A 73 1.19 9.24 3.34
CA LEU A 73 0.27 8.61 2.41
C LEU A 73 -0.35 7.33 2.98
N GLY A 74 -1.38 6.83 2.32
CA GLY A 74 -2.01 5.59 2.71
C GLY A 74 -2.83 5.04 1.57
N TRP A 75 -2.99 3.72 1.53
CA TRP A 75 -3.85 3.11 0.52
C TRP A 75 -4.47 1.81 1.03
N THR A 76 -5.58 1.42 0.40
CA THR A 76 -6.33 0.23 0.80
C THR A 76 -6.42 -0.78 -0.32
N VAL A 77 -6.30 -2.05 0.04
CA VAL A 77 -6.58 -3.15 -0.88
C VAL A 77 -7.53 -4.13 -0.23
N ALA A 78 -8.70 -4.32 -0.85
CA ALA A 78 -9.58 -5.42 -0.47
C ALA A 78 -9.20 -6.63 -1.31
N TRP A 79 -8.96 -7.76 -0.66
CA TRP A 79 -8.38 -8.91 -1.35
C TRP A 79 -9.41 -9.76 -2.09
N LYS A 80 -10.19 -9.08 -2.92
CA LYS A 80 -11.13 -9.74 -3.81
C LYS A 80 -10.92 -9.26 -5.23
N ASN A 81 -10.69 -10.21 -6.14
CA ASN A 81 -10.65 -9.90 -7.56
C ASN A 81 -11.41 -10.98 -8.33
N ASN A 82 -11.12 -11.11 -9.63
CA ASN A 82 -11.79 -12.12 -10.42
C ASN A 82 -11.32 -13.54 -10.17
N TYR A 83 -10.23 -13.69 -9.41
CA TYR A 83 -9.66 -15.02 -9.20
C TYR A 83 -9.90 -15.54 -7.77
N ARG A 84 -9.80 -14.67 -6.79
CA ARG A 84 -9.95 -15.09 -5.39
C ARG A 84 -10.65 -14.06 -4.51
N ASN A 85 -11.09 -14.51 -3.35
CA ASN A 85 -11.61 -13.62 -2.33
C ASN A 85 -11.16 -14.10 -0.95
N ALA A 86 -10.21 -13.37 -0.37
CA ALA A 86 -9.66 -13.76 0.92
C ALA A 86 -10.47 -13.15 2.06
N HIS A 87 -11.59 -12.50 1.71
CA HIS A 87 -12.47 -11.85 2.69
C HIS A 87 -11.68 -11.00 3.67
N SER A 88 -10.71 -10.27 3.15
CA SER A 88 -9.85 -9.45 3.99
C SER A 88 -9.46 -8.17 3.26
N ALA A 89 -8.94 -7.21 4.01
CA ALA A 89 -8.54 -5.93 3.44
C ALA A 89 -7.32 -5.40 4.20
N THR A 90 -6.33 -4.94 3.45
CA THR A 90 -5.13 -4.38 4.05
C THR A 90 -5.06 -2.88 3.81
N THR A 91 -4.66 -2.12 4.82
CA THR A 91 -4.38 -0.71 4.64
C THR A 91 -2.93 -0.44 5.00
N TRP A 92 -2.22 0.28 4.13
CA TRP A 92 -0.86 0.68 4.40
C TRP A 92 -0.86 2.13 4.82
N SER A 93 -0.20 2.42 5.94
CA SER A 93 0.00 3.80 6.35
C SER A 93 1.49 4.07 6.52
N GLY A 94 1.97 5.15 5.92
CA GLY A 94 3.37 5.49 6.00
C GLY A 94 3.76 6.74 5.24
N GLN A 95 5.03 6.84 4.86
CA GLN A 95 5.49 8.03 4.17
C GLN A 95 6.39 7.72 2.98
N TYR A 96 6.34 8.60 1.99
CA TYR A 96 7.24 8.52 0.85
C TYR A 96 8.45 9.39 1.10
N VAL A 97 9.63 8.83 0.88
CA VAL A 97 10.87 9.57 1.02
C VAL A 97 11.60 9.59 -0.31
N GLY A 98 11.84 10.78 -0.84
CA GLY A 98 12.53 10.92 -2.11
C GLY A 98 14.05 10.83 -1.99
N GLY A 99 14.75 11.21 -3.06
CA GLY A 99 16.19 11.17 -3.07
C GLY A 99 16.72 10.06 -3.97
N ALA A 100 18.04 9.94 -4.05
CA ALA A 100 18.69 8.95 -4.90
C ALA A 100 18.16 7.54 -4.68
N GLU A 101 17.85 7.22 -3.43
CA GLU A 101 17.25 5.95 -3.08
C GLU A 101 15.84 6.15 -2.51
N ALA A 102 14.89 6.48 -3.38
CA ALA A 102 13.51 6.74 -2.97
C ALA A 102 12.86 5.52 -2.34
N ARG A 103 12.20 5.74 -1.21
CA ARG A 103 11.53 4.66 -0.48
C ARG A 103 10.12 5.05 -0.07
N ILE A 104 9.28 4.04 0.16
CA ILE A 104 8.01 4.23 0.85
C ILE A 104 7.98 3.32 2.08
N ASN A 105 8.10 3.91 3.25
CA ASN A 105 8.11 3.14 4.49
C ASN A 105 6.72 3.08 5.08
N THR A 106 6.22 1.88 5.28
CA THR A 106 4.83 1.72 5.74
C THR A 106 4.70 0.77 6.92
N GLN A 107 3.59 0.93 7.64
CA GLN A 107 3.10 -0.09 8.55
C GLN A 107 1.71 -0.44 8.06
N TRP A 108 1.28 -1.69 8.24
CA TRP A 108 -0.01 -2.10 7.69
C TRP A 108 -0.90 -2.87 8.66
N LEU A 109 -2.22 -2.81 8.40
CA LEU A 109 -3.21 -3.55 9.17
C LEU A 109 -4.02 -4.42 8.23
N LEU A 110 -4.03 -5.73 8.50
CA LEU A 110 -4.75 -6.69 7.66
C LEU A 110 -5.92 -7.26 8.44
N THR A 111 -7.12 -6.78 8.11
CA THR A 111 -8.33 -7.26 8.81
C THR A 111 -9.06 -8.34 8.01
N HIS A 112 -9.38 -9.44 8.68
CA HIS A 112 -10.06 -10.55 8.06
C HIS A 112 -11.50 -10.51 8.55
N GLY A 113 -12.45 -10.70 7.64
CA GLY A 113 -13.85 -10.77 8.03
C GLY A 113 -14.09 -11.97 8.92
N THR A 114 -14.62 -11.74 10.13
CA THR A 114 -14.84 -12.81 11.09
C THR A 114 -16.16 -12.66 11.81
N THR A 115 -16.51 -13.64 12.63
CA THR A 115 -17.65 -13.54 13.50
C THR A 115 -17.27 -12.71 14.73
N GLU A 116 -18.27 -12.32 15.51
CA GLU A 116 -18.01 -11.48 16.66
C GLU A 116 -17.15 -12.22 17.69
N ALA A 117 -17.28 -13.54 17.71
CA ALA A 117 -16.51 -14.37 18.62
C ALA A 117 -15.03 -14.38 18.24
N ASN A 118 -14.74 -14.26 16.94
CA ASN A 118 -13.36 -14.30 16.46
C ASN A 118 -12.79 -12.93 16.13
N ALA A 119 -13.47 -11.87 16.56
CA ALA A 119 -13.05 -10.51 16.24
C ALA A 119 -11.66 -10.20 16.80
N TRP A 120 -11.38 -10.73 17.99
CA TRP A 120 -10.13 -10.46 18.68
C TRP A 120 -8.91 -10.89 17.87
N LYS A 121 -9.09 -11.90 17.03
CA LYS A 121 -7.99 -12.39 16.22
C LYS A 121 -8.20 -12.13 14.72
N SER A 122 -8.81 -10.99 14.39
CA SER A 122 -9.15 -10.70 13.01
C SER A 122 -8.11 -9.86 12.29
N THR A 123 -7.20 -9.24 13.04
CA THR A 123 -6.31 -8.23 12.45
C THR A 123 -4.82 -8.49 12.62
N LEU A 124 -4.12 -8.58 11.49
CA LEU A 124 -2.67 -8.70 11.47
C LEU A 124 -2.02 -7.33 11.33
N VAL A 125 -0.85 -7.16 11.94
CA VAL A 125 -0.11 -5.92 11.82
C VAL A 125 1.30 -6.24 11.34
N GLY A 126 1.84 -5.39 10.47
CA GLY A 126 3.18 -5.57 9.95
C GLY A 126 3.73 -4.32 9.32
N HIS A 127 4.86 -4.45 8.63
CA HIS A 127 5.47 -3.30 7.98
C HIS A 127 6.14 -3.69 6.67
N ASP A 128 6.01 -2.84 5.66
CA ASP A 128 6.66 -3.05 4.37
C ASP A 128 7.49 -1.83 3.99
N THR A 129 8.57 -2.08 3.26
CA THR A 129 9.38 -1.02 2.69
C THR A 129 9.39 -1.17 1.18
N PHE A 130 8.95 -0.14 0.46
CA PHE A 130 8.88 -0.17 -0.99
C PHE A 130 10.00 0.61 -1.65
N THR A 131 10.66 -0.02 -2.62
CA THR A 131 11.68 0.65 -3.42
C THR A 131 11.32 0.58 -4.91
N LYS A 132 11.98 1.42 -5.69
CA LYS A 132 11.74 1.48 -7.14
C LYS A 132 12.49 0.38 -7.86
N VAL A 133 13.47 -0.22 -7.19
CA VAL A 133 14.37 -1.18 -7.81
C VAL A 133 13.97 -2.63 -7.54
N LYS A 134 14.52 -3.54 -8.32
CA LYS A 134 14.25 -4.97 -8.20
C LYS A 134 12.78 -5.32 -8.39
RH 0OD B . -6.81 -14.77 8.19
C1 0OD B . 2.38 -7.84 1.14
N1 0OD B . 2.52 -7.19 2.20
O1 0OD B . 2.91 -7.44 0.11
S1 0OD B . -0.88 -7.44 2.77
C2 0OD B . 1.69 -8.03 3.37
N2 0OD B . 1.65 -9.00 1.16
O2 0OD B . -3.63 -13.43 2.43
C3 0OD B . 0.46 -7.18 3.94
N3 0OD B . -5.46 -12.40 3.36
C4 0OD B . 1.14 -9.20 2.62
C5 0OD B . -0.34 -9.21 2.68
C6 0OD B . -0.97 -9.90 1.47
C7 0OD B . -2.21 -10.61 1.94
C8 0OD B . -2.97 -11.14 0.76
C9 0OD B . -4.51 -11.42 1.21
C10 0OD B . -4.54 -12.51 2.34
C11 0OD B . -5.04 -13.34 4.44
C12 0OD B . -5.83 -13.06 5.69
C13 0OD B . -5.45 -13.92 6.86
C14 0OD B . -5.31 -15.33 6.87
C15 0OD B . -4.95 -15.73 8.17
C16 0OD B . -4.85 -14.59 8.97
C17 0OD B . -5.17 -13.49 8.17
C18 0OD B . -5.51 -16.26 5.70
C19 0OD B . -4.71 -17.16 8.60
C20 0OD B . -4.50 -14.56 10.44
C21 0OD B . -5.19 -12.05 8.60
CL CL C . -16.55 -17.48 0.96
CL CL D . -1.72 -20.92 -3.62
RH1 RH E . 11.74 -4.83 8.97
CL CL F . 1.81 -18.02 1.71
CL CL G . -14.37 -6.87 -7.48
#